data_8TN4
#
_entry.id   8TN4
#
_cell.length_a   90.254
_cell.length_b   90.254
_cell.length_c   208.830
_cell.angle_alpha   90.00
_cell.angle_beta   90.00
_cell.angle_gamma   120.00
#
_symmetry.space_group_name_H-M   'P 65 2 2'
#
loop_
_entity.id
_entity.type
_entity.pdbx_description
1 polymer 'TG10, Heavy chain'
2 polymer 'TG10, Light chain'
3 non-polymer 'SULFATE ION'
4 non-polymer 'SODIUM ION'
5 water water
#
loop_
_entity_poly.entity_id
_entity_poly.type
_entity_poly.pdbx_seq_one_letter_code
_entity_poly.pdbx_strand_id
1 'polypeptide(L)'
;EVQLVESGGGLVQPGGSLRLSCAVSGFPFSSYWMSWVRQAPGKGLEWVANIKEDGSEKYYVDSVKGRFTISRDNAKNSLY
LQMNSLRAEDTAVYYCATDPDVGLSDSWGQGTLVTVSSASTKGPSVFPLAPSSKSTSGGTAALGCLVKDYFPEPVTVSWN
SGALTSGVHTFPAVLQSSGLYSLSSVVTVPSSSLGTQTYICNVNHKPSNTKVDKKVEPKSC
;
H
2 'polypeptide(L)'
;EIVLTQSPGTLSLSPGDRATHSCRASQSVSRSYLAWYQQKPGQTPRLFIYGASNRATGIPDRFSGSGSGTYFTLTISRLE
PEDFAVYYCQQYDSAPDTFGQGTRLEIKRTVAAPSVFIFPPSDEQLKSGTASVVCLLNNFYPREAKVQWKVDNALQSGNS
QESVTEQDSKDSTYSLSSTLTLSKADYEKHKVYACEVTHQGLSSPVTKSFNRGEC
;
L
#
# COMPACT_ATOMS: atom_id res chain seq x y z
N GLU A 1 -18.41 5.79 -17.68
CA GLU A 1 -17.09 5.38 -17.13
C GLU A 1 -17.13 3.89 -16.86
N VAL A 2 -15.96 3.28 -16.97
CA VAL A 2 -15.83 1.90 -16.60
C VAL A 2 -15.66 1.81 -15.09
N GLN A 3 -16.41 0.89 -14.49
CA GLN A 3 -16.36 0.67 -13.06
C GLN A 3 -16.51 -0.82 -12.79
N LEU A 4 -15.74 -1.32 -11.82
CA LEU A 4 -15.88 -2.67 -11.31
C LEU A 4 -15.87 -2.53 -9.80
N VAL A 5 -17.03 -2.68 -9.18
CA VAL A 5 -17.21 -2.37 -7.78
C VAL A 5 -17.41 -3.68 -7.01
N GLU A 6 -16.46 -3.95 -6.10
CA GLU A 6 -16.46 -5.17 -5.29
C GLU A 6 -17.06 -4.94 -3.91
N SER A 7 -17.66 -6.02 -3.39
CA SER A 7 -18.17 -6.07 -2.04
C SER A 7 -18.13 -7.51 -1.53
N GLY A 8 -18.37 -7.69 -0.23
CA GLY A 8 -18.54 -9.00 0.38
C GLY A 8 -17.32 -9.56 1.11
N GLY A 9 -16.21 -8.82 1.12
CA GLY A 9 -15.01 -9.29 1.78
C GLY A 9 -15.03 -9.00 3.26
N GLY A 10 -13.87 -8.86 3.84
CA GLY A 10 -13.70 -8.48 5.21
C GLY A 10 -13.20 -9.63 6.09
N LEU A 11 -13.40 -9.45 7.39
CA LEU A 11 -12.99 -10.41 8.38
C LEU A 11 -13.88 -11.65 8.35
N VAL A 12 -13.28 -12.82 8.51
CA VAL A 12 -14.00 -14.08 8.52
C VAL A 12 -13.24 -15.08 9.38
N GLN A 13 -13.97 -15.88 10.16
N GLN A 13 -13.97 -15.86 10.18
CA GLN A 13 -13.37 -16.89 11.00
CA GLN A 13 -13.35 -16.85 11.02
C GLN A 13 -12.79 -18.02 10.15
C GLN A 13 -12.77 -17.98 10.14
N PRO A 14 -11.66 -18.61 10.55
CA PRO A 14 -11.17 -19.81 9.89
C PRO A 14 -12.25 -20.89 9.86
N GLY A 15 -12.35 -21.57 8.70
CA GLY A 15 -13.39 -22.53 8.47
C GLY A 15 -14.67 -21.93 7.88
N GLY A 16 -14.76 -20.61 7.93
CA GLY A 16 -15.94 -19.93 7.44
C GLY A 16 -15.98 -19.73 5.95
N SER A 17 -16.91 -18.90 5.53
CA SER A 17 -17.15 -18.63 4.12
C SER A 17 -17.43 -17.15 3.89
N LEU A 18 -17.21 -16.73 2.65
CA LEU A 18 -17.54 -15.38 2.18
C LEU A 18 -18.05 -15.48 0.76
N ARG A 19 -18.89 -14.50 0.39
CA ARG A 19 -19.45 -14.35 -0.94
C ARG A 19 -18.97 -13.01 -1.47
N LEU A 20 -18.07 -13.03 -2.47
CA LEU A 20 -17.60 -11.80 -3.08
C LEU A 20 -18.44 -11.49 -4.30
N SER A 21 -18.74 -10.20 -4.46
CA SER A 21 -19.46 -9.70 -5.60
C SER A 21 -18.63 -8.64 -6.31
N CYS A 22 -18.85 -8.52 -7.62
CA CYS A 22 -18.21 -7.51 -8.46
C CYS A 22 -19.22 -7.03 -9.49
N ALA A 23 -19.68 -5.78 -9.33
CA ALA A 23 -20.64 -5.18 -10.24
C ALA A 23 -19.94 -4.34 -11.28
N VAL A 24 -20.10 -4.70 -12.55
CA VAL A 24 -19.36 -4.10 -13.65
C VAL A 24 -20.26 -3.19 -14.46
N SER A 25 -19.71 -2.07 -14.90
CA SER A 25 -20.41 -1.18 -15.82
C SER A 25 -19.41 -0.52 -16.76
N GLY A 26 -19.93 -0.07 -17.91
CA GLY A 26 -19.19 0.76 -18.81
C GLY A 26 -18.53 0.06 -20.00
N PHE A 27 -18.67 -1.28 -20.07
CA PHE A 27 -18.26 -2.08 -21.20
C PHE A 27 -19.13 -3.35 -21.24
N PRO A 28 -19.12 -4.15 -22.32
CA PRO A 28 -20.04 -5.31 -22.43
C PRO A 28 -19.51 -6.54 -21.69
N PHE A 29 -19.78 -6.54 -20.40
CA PHE A 29 -19.36 -7.57 -19.47
C PHE A 29 -19.62 -8.97 -20.01
N SER A 30 -20.82 -9.19 -20.55
CA SER A 30 -21.26 -10.51 -20.97
C SER A 30 -20.46 -11.07 -22.15
N SER A 31 -19.63 -10.24 -22.78
CA SER A 31 -18.83 -10.66 -23.92
C SER A 31 -17.43 -11.12 -23.53
N TYR A 32 -17.08 -11.05 -22.23
CA TYR A 32 -15.71 -11.34 -21.80
C TYR A 32 -15.67 -12.47 -20.79
N TRP A 33 -14.62 -13.30 -20.92
CA TRP A 33 -14.14 -14.09 -19.79
C TRP A 33 -13.75 -13.17 -18.65
N MET A 34 -13.99 -13.64 -17.42
CA MET A 34 -13.65 -12.91 -16.21
C MET A 34 -12.87 -13.81 -15.26
N SER A 35 -12.13 -13.17 -14.38
CA SER A 35 -11.27 -13.88 -13.44
C SER A 35 -11.35 -13.25 -12.06
N TRP A 36 -10.90 -14.05 -11.07
CA TRP A 36 -10.51 -13.52 -9.76
C TRP A 36 -8.99 -13.71 -9.60
N VAL A 37 -8.37 -12.68 -9.01
CA VAL A 37 -6.92 -12.67 -8.73
C VAL A 37 -6.77 -12.21 -7.30
N ARG A 38 -5.83 -12.81 -6.55
CA ARG A 38 -5.65 -12.40 -5.17
C ARG A 38 -4.17 -12.06 -4.90
N GLN A 39 -3.97 -11.33 -3.83
CA GLN A 39 -2.63 -10.88 -3.45
C GLN A 39 -2.55 -10.92 -1.93
N ALA A 40 -1.76 -11.88 -1.43
CA ALA A 40 -1.50 -11.93 0.00
C ALA A 40 -0.69 -10.71 0.40
N PRO A 41 -0.81 -10.22 1.66
CA PRO A 41 -0.08 -9.05 2.12
C PRO A 41 1.42 -9.16 1.83
N GLY A 42 1.93 -8.21 1.06
CA GLY A 42 3.36 -8.15 0.76
C GLY A 42 3.85 -9.07 -0.36
N LYS A 43 2.92 -9.77 -1.00
CA LYS A 43 3.23 -10.80 -1.98
C LYS A 43 2.76 -10.41 -3.37
N GLY A 44 2.99 -11.33 -4.32
CA GLY A 44 2.65 -11.07 -5.71
C GLY A 44 1.18 -11.39 -6.03
N LEU A 45 0.82 -11.11 -7.28
CA LEU A 45 -0.50 -11.45 -7.78
C LEU A 45 -0.56 -12.94 -8.07
N GLU A 46 -1.70 -13.56 -7.69
CA GLU A 46 -1.96 -14.97 -7.95
C GLU A 46 -3.33 -15.13 -8.59
N TRP A 47 -3.35 -15.63 -9.81
CA TRP A 47 -4.62 -15.96 -10.46
C TRP A 47 -5.28 -17.08 -9.66
N VAL A 48 -6.63 -16.96 -9.47
CA VAL A 48 -7.43 -17.89 -8.66
C VAL A 48 -8.40 -18.73 -9.51
N ALA A 49 -9.14 -18.08 -10.42
CA ALA A 49 -10.21 -18.75 -11.15
C ALA A 49 -10.61 -17.87 -12.34
N ASN A 50 -11.20 -18.53 -13.36
CA ASN A 50 -11.79 -17.77 -14.46
C ASN A 50 -13.09 -18.46 -14.91
N ILE A 51 -13.82 -17.75 -15.75
CA ILE A 51 -15.15 -18.18 -16.21
C ILE A 51 -15.43 -17.61 -17.60
N LYS A 52 -15.96 -18.48 -18.45
CA LYS A 52 -16.35 -18.15 -19.81
C LYS A 52 -17.54 -17.14 -19.81
N GLU A 53 -17.70 -16.46 -20.96
CA GLU A 53 -18.73 -15.47 -21.14
C GLU A 53 -20.09 -15.94 -20.64
N ASP A 54 -20.46 -17.16 -20.97
CA ASP A 54 -21.78 -17.69 -20.64
C ASP A 54 -21.78 -18.59 -19.41
N GLY A 55 -20.67 -18.65 -18.68
CA GLY A 55 -20.58 -19.42 -17.47
C GLY A 55 -20.31 -20.92 -17.66
N SER A 56 -20.23 -21.37 -18.91
CA SER A 56 -20.24 -22.81 -19.21
C SER A 56 -18.92 -23.52 -19.02
N GLU A 57 -17.82 -22.78 -18.89
CA GLU A 57 -16.49 -23.33 -18.61
C GLU A 57 -15.88 -22.44 -17.53
N LYS A 58 -15.11 -23.07 -16.65
CA LYS A 58 -14.41 -22.37 -15.61
C LYS A 58 -13.25 -23.22 -15.13
N TYR A 59 -12.24 -22.52 -14.63
CA TYR A 59 -11.00 -23.16 -14.17
C TYR A 59 -10.57 -22.53 -12.85
N TYR A 60 -9.87 -23.36 -12.04
CA TYR A 60 -9.44 -22.98 -10.71
C TYR A 60 -8.00 -23.40 -10.43
N VAL A 61 -7.33 -22.61 -9.61
CA VAL A 61 -6.05 -23.06 -9.10
C VAL A 61 -6.27 -24.28 -8.18
N ASP A 62 -5.31 -25.19 -8.11
CA ASP A 62 -5.46 -26.43 -7.38
C ASP A 62 -5.83 -26.21 -5.91
N SER A 63 -5.24 -25.17 -5.29
CA SER A 63 -5.43 -24.97 -3.86
C SER A 63 -6.85 -24.51 -3.47
N VAL A 64 -7.65 -24.14 -4.47
CA VAL A 64 -9.02 -23.71 -4.18
C VAL A 64 -10.05 -24.61 -4.85
N LYS A 65 -9.65 -25.51 -5.73
CA LYS A 65 -10.59 -26.36 -6.45
C LYS A 65 -11.46 -27.13 -5.47
N GLY A 66 -12.77 -27.10 -5.70
CA GLY A 66 -13.70 -27.81 -4.85
C GLY A 66 -14.26 -27.00 -3.70
N ARG A 67 -13.63 -25.87 -3.34
CA ARG A 67 -14.11 -25.06 -2.24
C ARG A 67 -14.36 -23.61 -2.59
N PHE A 68 -13.90 -23.14 -3.74
CA PHE A 68 -14.24 -21.85 -4.29
C PHE A 68 -15.02 -22.10 -5.57
N THR A 69 -16.08 -21.29 -5.79
CA THR A 69 -16.88 -21.38 -7.00
C THR A 69 -17.00 -19.99 -7.62
N ILE A 70 -16.58 -19.89 -8.88
CA ILE A 70 -16.76 -18.68 -9.66
C ILE A 70 -18.08 -18.79 -10.41
N SER A 71 -18.85 -17.69 -10.47
CA SER A 71 -20.11 -17.65 -11.20
C SER A 71 -20.33 -16.21 -11.65
N ARG A 72 -21.34 -16.05 -12.53
CA ARG A 72 -21.65 -14.71 -13.02
C ARG A 72 -23.17 -14.59 -13.23
N ASP A 73 -23.63 -13.35 -13.15
CA ASP A 73 -25.01 -13.03 -13.46
C ASP A 73 -24.94 -11.96 -14.54
N ASN A 74 -24.99 -12.38 -15.81
CA ASN A 74 -24.88 -11.44 -16.92
C ASN A 74 -26.02 -10.42 -16.91
N ALA A 75 -27.23 -10.83 -16.50
CA ALA A 75 -28.33 -9.88 -16.45
C ALA A 75 -28.04 -8.72 -15.49
N LYS A 76 -27.27 -8.96 -14.41
CA LYS A 76 -26.86 -7.92 -13.47
C LYS A 76 -25.41 -7.47 -13.69
N ASN A 77 -24.80 -7.85 -14.82
CA ASN A 77 -23.42 -7.46 -15.11
C ASN A 77 -22.51 -7.70 -13.90
N SER A 78 -22.66 -8.85 -13.24
CA SER A 78 -21.95 -9.12 -12.01
C SER A 78 -21.21 -10.45 -12.02
N LEU A 79 -20.05 -10.43 -11.33
CA LEU A 79 -19.22 -11.61 -11.11
C LEU A 79 -19.18 -11.92 -9.63
N TYR A 80 -19.06 -13.23 -9.30
CA TYR A 80 -19.09 -13.67 -7.92
C TYR A 80 -17.97 -14.69 -7.67
N LEU A 81 -17.53 -14.73 -6.41
CA LEU A 81 -16.67 -15.81 -5.92
C LEU A 81 -17.23 -16.25 -4.57
N GLN A 82 -17.66 -17.52 -4.52
CA GLN A 82 -18.14 -18.14 -3.30
C GLN A 82 -16.97 -18.93 -2.70
N MET A 83 -16.58 -18.55 -1.49
CA MET A 83 -15.34 -19.03 -0.91
C MET A 83 -15.70 -19.79 0.37
N ASN A 84 -15.29 -21.07 0.47
CA ASN A 84 -15.61 -21.89 1.63
C ASN A 84 -14.35 -22.51 2.26
N SER A 85 -14.50 -22.99 3.47
CA SER A 85 -13.44 -23.64 4.22
C SER A 85 -12.21 -22.76 4.30
N LEU A 86 -12.40 -21.50 4.70
CA LEU A 86 -11.34 -20.52 4.59
C LEU A 86 -10.23 -20.81 5.62
N ARG A 87 -9.01 -20.48 5.20
CA ARG A 87 -7.82 -20.68 6.02
C ARG A 87 -6.99 -19.41 6.00
N ALA A 88 -6.01 -19.34 6.90
CA ALA A 88 -5.10 -18.20 6.92
C ALA A 88 -4.40 -17.99 5.56
N GLU A 89 -4.10 -19.08 4.85
CA GLU A 89 -3.49 -19.05 3.53
C GLU A 89 -4.31 -18.26 2.49
N ASP A 90 -5.60 -18.08 2.79
CA ASP A 90 -6.50 -17.37 1.89
C ASP A 90 -6.59 -15.88 2.17
N THR A 91 -5.97 -15.39 3.26
CA THR A 91 -5.94 -13.97 3.54
C THR A 91 -5.26 -13.25 2.40
N ALA A 92 -5.91 -12.24 1.85
CA ALA A 92 -5.45 -11.58 0.65
C ALA A 92 -6.43 -10.49 0.25
N VAL A 93 -6.00 -9.56 -0.60
CA VAL A 93 -6.92 -8.72 -1.35
C VAL A 93 -7.33 -9.50 -2.57
N TYR A 94 -8.64 -9.56 -2.82
CA TYR A 94 -9.21 -10.25 -3.97
C TYR A 94 -9.73 -9.20 -4.96
N TYR A 95 -9.33 -9.38 -6.23
CA TYR A 95 -9.67 -8.50 -7.34
C TYR A 95 -10.47 -9.30 -8.36
N CYS A 96 -11.58 -8.70 -8.85
CA CYS A 96 -12.14 -9.17 -10.10
C CYS A 96 -11.36 -8.54 -11.26
N ALA A 97 -11.13 -9.34 -12.30
CA ALA A 97 -10.21 -8.96 -13.37
C ALA A 97 -10.78 -9.41 -14.70
N THR A 98 -10.92 -8.46 -15.62
CA THR A 98 -11.45 -8.76 -16.94
C THR A 98 -10.36 -9.39 -17.82
N ASP A 99 -10.73 -10.28 -18.73
CA ASP A 99 -9.88 -10.74 -19.82
CA ASP A 99 -9.83 -10.75 -19.78
C ASP A 99 -9.12 -9.55 -20.36
N PRO A 100 -7.76 -9.59 -20.42
CA PRO A 100 -7.00 -8.46 -20.95
C PRO A 100 -7.34 -8.01 -22.35
N ASP A 101 -7.95 -8.90 -23.14
CA ASP A 101 -8.36 -8.52 -24.49
C ASP A 101 -9.42 -7.41 -24.50
N VAL A 102 -10.04 -7.10 -23.34
CA VAL A 102 -10.87 -5.91 -23.27
C VAL A 102 -10.13 -4.64 -23.61
N GLY A 103 -8.83 -4.62 -23.35
CA GLY A 103 -8.00 -3.51 -23.80
C GLY A 103 -8.15 -2.21 -23.04
N LEU A 104 -8.74 -2.28 -21.83
CA LEU A 104 -9.03 -1.12 -21.00
C LEU A 104 -8.11 -1.20 -19.78
N SER A 105 -7.47 -0.07 -19.47
CA SER A 105 -6.54 -0.09 -18.34
C SER A 105 -7.22 -0.33 -17.01
N ASP A 106 -8.41 0.27 -16.85
CA ASP A 106 -9.14 0.26 -15.60
C ASP A 106 -10.15 -0.90 -15.57
N SER A 107 -9.68 -2.11 -15.83
CA SER A 107 -10.53 -3.27 -16.07
C SER A 107 -10.55 -4.27 -14.90
N TRP A 108 -10.03 -3.85 -13.75
CA TRP A 108 -10.11 -4.61 -12.51
C TRP A 108 -10.92 -3.85 -11.46
N GLY A 109 -11.51 -4.61 -10.52
CA GLY A 109 -12.12 -3.99 -9.38
C GLY A 109 -11.16 -3.38 -8.36
N GLN A 110 -11.71 -2.64 -7.39
CA GLN A 110 -10.92 -1.88 -6.44
C GLN A 110 -10.28 -2.80 -5.39
N GLY A 111 -10.63 -4.06 -5.34
CA GLY A 111 -10.13 -4.99 -4.37
C GLY A 111 -10.99 -5.04 -3.11
N THR A 112 -11.03 -6.21 -2.47
CA THR A 112 -11.60 -6.37 -1.15
C THR A 112 -10.65 -7.25 -0.33
N LEU A 113 -10.29 -6.76 0.86
CA LEU A 113 -9.41 -7.52 1.74
C LEU A 113 -10.24 -8.57 2.48
N VAL A 114 -9.79 -9.81 2.36
CA VAL A 114 -10.31 -10.92 3.11
C VAL A 114 -9.28 -11.26 4.17
N THR A 115 -9.64 -11.15 5.45
CA THR A 115 -8.78 -11.47 6.56
C THR A 115 -9.35 -12.66 7.28
N VAL A 116 -8.62 -13.78 7.26
CA VAL A 116 -9.10 -15.00 7.90
C VAL A 116 -8.48 -15.09 9.29
N SER A 117 -9.30 -14.82 10.31
CA SER A 117 -8.85 -14.64 11.70
C SER A 117 -10.02 -14.86 12.63
N SER A 118 -9.74 -15.40 13.83
CA SER A 118 -10.74 -15.57 14.88
C SER A 118 -10.93 -14.33 15.76
N ALA A 119 -10.17 -13.26 15.51
CA ALA A 119 -10.24 -12.05 16.32
C ALA A 119 -11.47 -11.20 15.99
N SER A 120 -11.83 -10.32 16.92
CA SER A 120 -12.94 -9.38 16.73
C SER A 120 -12.43 -8.16 15.98
N THR A 121 -13.35 -7.48 15.29
CA THR A 121 -13.12 -6.13 14.86
C THR A 121 -12.86 -5.27 16.08
N LYS A 122 -11.97 -4.29 15.91
CA LYS A 122 -11.66 -3.34 16.97
C LYS A 122 -11.33 -2.02 16.31
N GLY A 123 -12.01 -0.96 16.74
CA GLY A 123 -11.77 0.34 16.16
C GLY A 123 -10.55 1.01 16.78
N PRO A 124 -9.97 1.97 16.06
CA PRO A 124 -8.77 2.65 16.51
C PRO A 124 -9.00 3.71 17.59
N SER A 125 -7.95 3.93 18.37
CA SER A 125 -7.76 5.12 19.18
C SER A 125 -6.97 6.10 18.34
N VAL A 126 -7.38 7.37 18.31
CA VAL A 126 -6.70 8.37 17.50
C VAL A 126 -6.13 9.44 18.43
N PHE A 127 -4.81 9.57 18.37
CA PHE A 127 -4.10 10.50 19.23
C PHE A 127 -3.40 11.58 18.40
N PRO A 128 -3.33 12.83 18.90
CA PRO A 128 -2.63 13.88 18.14
C PRO A 128 -1.11 13.73 18.17
N LEU A 129 -0.48 14.13 17.07
CA LEU A 129 0.97 14.30 16.97
C LEU A 129 1.24 15.78 16.80
N ALA A 130 1.64 16.45 17.88
CA ALA A 130 2.02 17.87 17.83
C ALA A 130 3.43 18.04 18.39
N PRO A 131 4.43 18.54 17.63
CA PRO A 131 5.79 18.72 18.19
C PRO A 131 5.83 19.91 19.15
N SER A 132 6.74 19.82 20.14
CA SER A 132 6.92 20.95 21.07
C SER A 132 7.35 22.20 20.30
N SER A 133 6.96 23.37 20.81
CA SER A 133 7.38 24.64 20.24
C SER A 133 8.90 24.73 20.23
N LYS A 134 9.51 24.24 21.33
CA LYS A 134 10.96 24.30 21.51
C LYS A 134 11.66 23.42 20.47
N SER A 135 10.96 22.40 19.97
CA SER A 135 11.58 21.45 19.03
C SER A 135 11.22 21.78 17.56
N THR A 136 10.27 22.70 17.33
CA THR A 136 9.89 23.23 16.02
C THR A 136 10.87 24.37 15.67
N SER A 137 11.82 24.08 14.79
CA SER A 137 12.78 25.13 14.52
C SER A 137 12.91 25.45 13.04
N GLY A 138 11.84 25.86 12.32
CA GLY A 138 12.02 26.59 11.07
C GLY A 138 10.96 26.46 9.97
N GLY A 139 9.94 27.33 9.94
CA GLY A 139 9.17 27.65 8.75
C GLY A 139 8.15 26.58 8.35
N THR A 140 8.56 25.32 8.38
CA THR A 140 7.56 24.33 8.02
C THR A 140 7.43 23.32 9.15
N ALA A 141 6.17 23.18 9.58
CA ALA A 141 5.83 22.46 10.78
C ALA A 141 5.16 21.16 10.38
N ALA A 142 5.44 20.14 11.16
CA ALA A 142 4.81 18.84 10.97
C ALA A 142 3.80 18.66 12.09
N LEU A 143 2.65 18.06 11.74
CA LEU A 143 1.71 17.54 12.71
C LEU A 143 1.10 16.25 12.17
N GLY A 144 0.37 15.55 13.02
CA GLY A 144 -0.20 14.30 12.57
C GLY A 144 -1.21 13.70 13.52
N CYS A 145 -1.60 12.48 13.18
CA CYS A 145 -2.44 11.65 14.03
C CYS A 145 -1.84 10.26 14.06
N LEU A 146 -1.85 9.70 15.26
CA LEU A 146 -1.48 8.32 15.47
C LEU A 146 -2.78 7.53 15.63
N VAL A 147 -2.93 6.55 14.74
CA VAL A 147 -4.12 5.74 14.62
C VAL A 147 -3.75 4.35 15.13
N LYS A 148 -4.07 4.08 16.39
CA LYS A 148 -3.51 2.96 17.12
C LYS A 148 -4.53 1.90 17.52
N ASP A 149 -4.13 0.65 17.42
CA ASP A 149 -4.80 -0.47 18.05
C ASP A 149 -6.12 -0.81 17.36
N TYR A 150 -6.08 -1.06 16.05
CA TYR A 150 -7.30 -1.44 15.33
C TYR A 150 -7.09 -2.77 14.64
N PHE A 151 -8.20 -3.37 14.23
CA PHE A 151 -8.17 -4.64 13.52
C PHE A 151 -9.52 -4.88 12.86
N PRO A 152 -9.60 -5.49 11.67
CA PRO A 152 -8.50 -5.70 10.73
C PRO A 152 -8.16 -4.40 10.02
N GLU A 153 -7.23 -4.49 9.05
CA GLU A 153 -7.08 -3.45 8.06
C GLU A 153 -8.36 -3.37 7.24
N PRO A 154 -8.63 -2.29 6.48
CA PRO A 154 -7.84 -1.06 6.48
C PRO A 154 -8.49 0.09 7.24
N VAL A 155 -7.73 1.17 7.40
CA VAL A 155 -8.28 2.45 7.79
C VAL A 155 -7.98 3.44 6.67
N THR A 156 -8.79 4.49 6.62
CA THR A 156 -8.53 5.61 5.74
C THR A 156 -8.30 6.84 6.61
N VAL A 157 -7.37 7.68 6.18
CA VAL A 157 -7.14 8.96 6.82
C VAL A 157 -7.20 10.05 5.78
N SER A 158 -7.96 11.09 6.09
CA SER A 158 -7.92 12.33 5.32
C SER A 158 -7.60 13.47 6.28
N TRP A 159 -7.27 14.62 5.70
CA TRP A 159 -7.06 15.85 6.45
C TRP A 159 -8.03 16.92 5.96
N ASN A 160 -8.64 17.60 6.93
CA ASN A 160 -9.57 18.70 6.66
C ASN A 160 -10.59 18.26 5.62
N SER A 161 -11.11 17.05 5.80
CA SER A 161 -12.18 16.50 4.97
C SER A 161 -11.79 16.40 3.50
N GLY A 162 -10.50 16.14 3.24
CA GLY A 162 -9.97 15.98 1.89
C GLY A 162 -9.47 17.30 1.27
N ALA A 163 -9.60 18.43 1.99
CA ALA A 163 -9.14 19.73 1.51
C ALA A 163 -7.63 19.81 1.50
N LEU A 164 -6.99 19.09 2.44
CA LEU A 164 -5.54 19.13 2.61
C LEU A 164 -4.96 17.81 2.14
N THR A 165 -4.20 17.88 1.03
CA THR A 165 -3.57 16.71 0.44
C THR A 165 -2.08 16.93 0.23
N SER A 166 -1.67 18.17 -0.11
CA SER A 166 -0.25 18.44 -0.28
C SER A 166 0.49 18.24 1.05
N GLY A 167 1.61 17.50 0.99
CA GLY A 167 2.46 17.31 2.14
C GLY A 167 2.00 16.20 3.07
N VAL A 168 0.91 15.50 2.74
CA VAL A 168 0.40 14.41 3.58
C VAL A 168 1.19 13.14 3.32
N HIS A 169 1.55 12.45 4.41
CA HIS A 169 2.17 11.14 4.33
C HIS A 169 1.45 10.23 5.31
N THR A 170 0.64 9.32 4.78
CA THR A 170 -0.03 8.30 5.57
C THR A 170 0.78 7.02 5.41
N PHE A 171 1.38 6.61 6.51
CA PHE A 171 2.31 5.48 6.47
C PHE A 171 1.58 4.15 6.35
N PRO A 172 2.23 3.13 5.80
CA PRO A 172 1.74 1.76 5.90
C PRO A 172 1.55 1.37 7.35
N ALA A 173 0.48 0.64 7.64
CA ALA A 173 0.28 0.12 8.97
C ALA A 173 1.38 -0.88 9.32
N VAL A 174 1.64 -0.98 10.61
CA VAL A 174 2.50 -2.00 11.18
C VAL A 174 1.64 -2.85 12.10
N LEU A 175 1.86 -4.17 12.06
CA LEU A 175 1.24 -5.07 12.99
C LEU A 175 2.08 -5.10 14.26
N GLN A 176 1.47 -4.76 15.38
CA GLN A 176 2.11 -4.78 16.68
C GLN A 176 2.08 -6.21 17.24
N SER A 177 2.86 -6.43 18.31
CA SER A 177 2.91 -7.73 18.99
C SER A 177 1.55 -8.15 19.53
N SER A 178 0.71 -7.17 19.84
CA SER A 178 -0.65 -7.40 20.32
C SER A 178 -1.54 -8.04 19.26
N GLY A 179 -1.15 -7.97 17.99
CA GLY A 179 -2.00 -8.43 16.90
C GLY A 179 -2.95 -7.37 16.37
N LEU A 180 -2.75 -6.14 16.85
CA LEU A 180 -3.48 -4.97 16.38
C LEU A 180 -2.55 -4.09 15.55
N TYR A 181 -3.12 -3.37 14.59
CA TYR A 181 -2.37 -2.48 13.72
C TYR A 181 -2.25 -1.08 14.34
N SER A 182 -1.23 -0.36 13.86
CA SER A 182 -1.00 1.03 14.19
C SER A 182 -0.46 1.70 12.93
N LEU A 183 -0.85 2.94 12.73
CA LEU A 183 -0.41 3.73 11.60
C LEU A 183 -0.31 5.19 12.08
N SER A 184 0.61 5.95 11.50
CA SER A 184 0.56 7.41 11.65
CA SER A 184 0.60 7.40 11.64
C SER A 184 0.30 8.04 10.29
N SER A 185 -0.33 9.20 10.34
CA SER A 185 -0.51 10.07 9.22
C SER A 185 -0.01 11.44 9.62
N VAL A 186 0.88 12.01 8.80
CA VAL A 186 1.49 13.29 9.11
C VAL A 186 1.25 14.22 7.93
N VAL A 187 1.35 15.50 8.20
CA VAL A 187 1.34 16.51 7.15
C VAL A 187 2.35 17.59 7.54
N THR A 188 3.07 18.11 6.56
CA THR A 188 3.89 19.28 6.78
C THR A 188 3.15 20.48 6.22
N VAL A 189 3.26 21.57 6.96
CA VAL A 189 2.52 22.79 6.75
C VAL A 189 3.38 24.00 7.07
N PRO A 190 3.08 25.19 6.52
CA PRO A 190 3.77 26.40 6.97
C PRO A 190 3.51 26.72 8.45
N SER A 191 4.61 26.97 9.20
CA SER A 191 4.53 27.39 10.61
C SER A 191 3.56 28.57 10.73
N SER A 192 3.73 29.51 9.77
CA SER A 192 2.89 30.70 9.73
C SER A 192 1.40 30.37 9.83
N SER A 193 0.99 29.13 9.47
CA SER A 193 -0.41 28.76 9.42
CA SER A 193 -0.42 28.78 9.43
C SER A 193 -0.90 28.28 10.79
N LEU A 194 0.02 27.85 11.66
CA LEU A 194 -0.37 27.10 12.86
C LEU A 194 -1.35 27.89 13.72
N GLY A 195 -1.28 29.22 13.65
CA GLY A 195 -2.14 30.07 14.46
C GLY A 195 -3.56 30.21 13.90
N THR A 196 -3.71 30.16 12.56
CA THR A 196 -4.93 30.63 11.92
C THR A 196 -5.61 29.53 11.10
N GLN A 197 -5.09 28.32 11.18
CA GLN A 197 -5.69 27.24 10.43
C GLN A 197 -5.82 26.03 11.34
N THR A 198 -7.02 25.44 11.33
CA THR A 198 -7.28 24.22 12.07
C THR A 198 -6.89 23.01 11.23
N TYR A 199 -6.35 22.01 11.90
CA TYR A 199 -5.96 20.76 11.26
C TYR A 199 -6.67 19.64 11.99
N ILE A 200 -7.54 18.94 11.23
CA ILE A 200 -8.30 17.81 11.74
C ILE A 200 -7.99 16.61 10.86
N CYS A 201 -7.64 15.49 11.52
CA CYS A 201 -7.55 14.24 10.79
C CYS A 201 -8.87 13.49 10.89
N ASN A 202 -9.30 12.94 9.77
CA ASN A 202 -10.56 12.23 9.67
C ASN A 202 -10.26 10.76 9.42
N VAL A 203 -10.54 9.92 10.43
CA VAL A 203 -10.15 8.53 10.43
C VAL A 203 -11.41 7.67 10.28
N ASN A 204 -11.42 6.77 9.32
CA ASN A 204 -12.56 5.87 9.10
C ASN A 204 -12.06 4.43 9.11
N HIS A 205 -12.58 3.64 10.06
CA HIS A 205 -12.34 2.22 10.14
C HIS A 205 -13.65 1.52 9.84
N LYS A 206 -13.86 1.25 8.55
CA LYS A 206 -15.14 0.68 8.13
C LYS A 206 -15.42 -0.64 8.82
N PRO A 207 -14.44 -1.54 9.03
CA PRO A 207 -14.75 -2.83 9.62
C PRO A 207 -15.46 -2.79 10.95
N SER A 208 -15.17 -1.77 11.78
CA SER A 208 -15.82 -1.65 13.09
C SER A 208 -16.86 -0.52 13.10
N ASN A 209 -17.10 0.08 11.93
CA ASN A 209 -18.02 1.22 11.83
C ASN A 209 -17.60 2.32 12.81
N THR A 210 -16.29 2.63 12.80
CA THR A 210 -15.71 3.66 13.64
C THR A 210 -15.23 4.81 12.77
N LYS A 211 -15.75 6.02 13.05
CA LYS A 211 -15.24 7.23 12.46
C LYS A 211 -14.86 8.16 13.60
N VAL A 212 -13.65 8.70 13.52
CA VAL A 212 -13.11 9.62 14.52
C VAL A 212 -12.56 10.83 13.77
N ASP A 213 -12.88 12.03 14.26
CA ASP A 213 -12.24 13.25 13.79
C ASP A 213 -11.48 13.83 14.97
N LYS A 214 -10.17 14.06 14.80
CA LYS A 214 -9.34 14.58 15.87
C LYS A 214 -8.70 15.89 15.42
N LYS A 215 -8.97 16.92 16.23
CA LYS A 215 -8.34 18.23 16.08
C LYS A 215 -6.94 18.16 16.68
N VAL A 216 -5.95 18.58 15.90
CA VAL A 216 -4.56 18.55 16.33
C VAL A 216 -4.13 19.97 16.66
N GLU A 217 -3.96 20.26 17.96
CA GLU A 217 -3.71 21.61 18.44
C GLU A 217 -2.21 21.80 18.61
N PRO A 218 -1.64 22.89 18.05
CA PRO A 218 -0.19 23.09 18.07
C PRO A 218 0.23 23.55 19.46
N LYS A 219 1.49 23.30 19.78
CA LYS A 219 2.11 23.72 21.03
C LYS A 219 2.87 25.04 20.87
N SER A 220 2.73 25.92 21.88
CA SER A 220 3.48 27.17 21.92
C SER A 220 4.02 27.38 23.33
N CYS A 221 5.16 28.08 23.42
CA CYS A 221 5.76 28.51 24.69
C CYS A 221 5.24 29.89 25.12
N GLU B 1 1.47 -26.20 -15.37
CA GLU B 1 1.18 -24.78 -15.62
C GLU B 1 2.34 -24.18 -16.42
N ILE B 2 2.07 -23.05 -17.06
CA ILE B 2 3.12 -22.23 -17.65
C ILE B 2 3.65 -21.33 -16.54
N VAL B 3 4.97 -21.46 -16.27
CA VAL B 3 5.60 -20.65 -15.27
C VAL B 3 6.23 -19.46 -15.97
N LEU B 4 5.93 -18.28 -15.46
CA LEU B 4 6.54 -17.06 -15.93
C LEU B 4 7.54 -16.57 -14.90
N THR B 5 8.74 -16.29 -15.37
CA THR B 5 9.82 -15.79 -14.53
C THR B 5 10.25 -14.42 -15.02
N GLN B 6 10.13 -13.42 -14.14
CA GLN B 6 10.48 -12.05 -14.48
C GLN B 6 11.91 -11.75 -13.99
N SER B 7 12.56 -10.88 -14.75
CA SER B 7 13.89 -10.39 -14.41
CA SER B 7 13.87 -10.38 -14.36
CA SER B 7 13.91 -10.39 -14.43
C SER B 7 13.97 -8.94 -14.85
N PRO B 8 14.72 -8.08 -14.15
CA PRO B 8 15.31 -8.36 -12.85
C PRO B 8 14.24 -8.36 -11.77
N GLY B 9 14.57 -8.72 -10.54
CA GLY B 9 13.61 -8.59 -9.46
C GLY B 9 13.34 -7.14 -9.10
N THR B 10 14.40 -6.33 -9.10
CA THR B 10 14.36 -4.92 -8.81
C THR B 10 15.16 -4.17 -9.84
N LEU B 11 14.68 -3.01 -10.25
CA LEU B 11 15.28 -2.17 -11.27
C LEU B 11 15.19 -0.75 -10.79
N SER B 12 16.31 -0.03 -10.71
CA SER B 12 16.38 1.31 -10.21
C SER B 12 17.01 2.20 -11.25
N LEU B 13 16.28 3.16 -11.81
CA LEU B 13 16.68 3.97 -12.93
C LEU B 13 16.20 5.41 -12.76
N SER B 14 16.84 6.36 -13.44
CA SER B 14 16.52 7.77 -13.34
C SER B 14 15.53 8.21 -14.41
N PRO B 15 14.82 9.35 -14.18
CA PRO B 15 14.00 9.92 -15.24
C PRO B 15 14.79 10.13 -16.52
N GLY B 16 14.18 9.81 -17.65
CA GLY B 16 14.82 9.91 -18.95
C GLY B 16 15.40 8.58 -19.42
N ASP B 17 15.69 7.70 -18.47
CA ASP B 17 16.32 6.45 -18.78
C ASP B 17 15.35 5.49 -19.46
N ARG B 18 15.87 4.53 -20.20
CA ARG B 18 15.07 3.46 -20.80
C ARG B 18 15.04 2.28 -19.86
N ALA B 19 13.85 1.82 -19.45
CA ALA B 19 13.67 0.71 -18.54
C ALA B 19 13.21 -0.51 -19.31
N THR B 20 13.85 -1.66 -19.11
CA THR B 20 13.51 -2.91 -19.75
C THR B 20 13.18 -3.97 -18.70
N HIS B 21 11.98 -4.55 -18.79
CA HIS B 21 11.46 -5.57 -17.93
C HIS B 21 11.29 -6.84 -18.72
N SER B 22 11.89 -7.95 -18.29
CA SER B 22 11.85 -9.21 -19.05
C SER B 22 10.90 -10.20 -18.37
N CYS B 23 10.27 -11.02 -19.21
CA CYS B 23 9.37 -12.08 -18.78
C CYS B 23 9.61 -13.32 -19.62
N ARG B 24 10.07 -14.39 -18.98
CA ARG B 24 10.38 -15.64 -19.65
C ARG B 24 9.31 -16.67 -19.29
N ALA B 25 8.92 -17.44 -20.28
CA ALA B 25 7.92 -18.48 -20.10
C ALA B 25 8.53 -19.87 -20.23
N SER B 26 8.04 -20.81 -19.41
CA SER B 26 8.52 -22.19 -19.40
C SER B 26 8.13 -22.99 -20.65
N GLN B 27 7.10 -22.50 -21.35
CA GLN B 27 6.72 -23.04 -22.64
C GLN B 27 6.19 -21.89 -23.48
N SER B 28 6.15 -22.09 -24.80
CA SER B 28 5.77 -21.04 -25.72
CA SER B 28 5.75 -21.04 -25.72
C SER B 28 4.36 -20.54 -25.38
N VAL B 29 4.20 -19.22 -25.44
CA VAL B 29 2.95 -18.49 -25.30
C VAL B 29 2.76 -17.73 -26.61
N SER B 30 1.60 -17.86 -27.20
CA SER B 30 1.16 -17.04 -28.32
C SER B 30 1.13 -15.56 -27.93
N ARG B 31 1.57 -14.70 -28.84
CA ARG B 31 1.57 -13.26 -28.60
C ARG B 31 0.21 -12.78 -28.17
N SER B 32 -0.84 -13.39 -28.76
CA SER B 32 -2.19 -12.97 -28.42
C SER B 32 -2.54 -13.12 -26.95
N TYR B 33 -1.67 -13.77 -26.13
CA TYR B 33 -2.09 -14.07 -24.79
C TYR B 33 -1.04 -13.73 -23.73
N LEU B 34 -0.33 -12.60 -23.91
CA LEU B 34 0.58 -12.11 -22.89
C LEU B 34 0.21 -10.68 -22.53
N ALA B 35 0.02 -10.42 -21.23
CA ALA B 35 -0.36 -9.10 -20.73
C ALA B 35 0.71 -8.58 -19.74
N TRP B 36 0.73 -7.27 -19.61
CA TRP B 36 1.48 -6.58 -18.58
C TRP B 36 0.62 -5.63 -17.77
N TYR B 37 0.83 -5.62 -16.47
CA TYR B 37 0.14 -4.76 -15.55
C TYR B 37 1.11 -3.90 -14.76
N GLN B 38 0.68 -2.71 -14.40
CA GLN B 38 1.36 -1.83 -13.46
C GLN B 38 0.60 -1.84 -12.14
N GLN B 39 1.26 -2.10 -11.01
CA GLN B 39 0.61 -1.98 -9.71
C GLN B 39 1.38 -1.01 -8.83
N LYS B 40 0.73 0.07 -8.45
CA LYS B 40 1.21 1.00 -7.45
C LYS B 40 0.90 0.45 -6.07
N PRO B 41 1.65 0.87 -5.03
CA PRO B 41 1.40 0.36 -3.69
C PRO B 41 0.00 0.56 -3.17
N GLY B 42 -0.58 -0.54 -2.72
CA GLY B 42 -1.90 -0.49 -2.12
C GLY B 42 -3.01 -0.18 -3.12
N GLN B 43 -2.71 -0.27 -4.42
CA GLN B 43 -3.67 0.10 -5.46
C GLN B 43 -3.99 -1.10 -6.35
N THR B 44 -5.14 -1.05 -7.01
CA THR B 44 -5.51 -2.03 -7.99
C THR B 44 -4.53 -2.02 -9.15
N PRO B 45 -4.07 -3.19 -9.62
CA PRO B 45 -3.30 -3.26 -10.88
C PRO B 45 -4.09 -2.65 -12.02
N ARG B 46 -3.38 -2.00 -12.92
CA ARG B 46 -3.91 -1.46 -14.15
C ARG B 46 -3.34 -2.26 -15.32
N LEU B 47 -4.14 -2.63 -16.29
CA LEU B 47 -3.69 -3.25 -17.52
C LEU B 47 -2.98 -2.22 -18.38
N PHE B 48 -1.72 -2.52 -18.76
CA PHE B 48 -0.95 -1.63 -19.60
C PHE B 48 -0.78 -2.18 -21.00
N ILE B 49 -0.49 -3.47 -21.16
CA ILE B 49 -0.26 -4.09 -22.47
C ILE B 49 -1.08 -5.37 -22.52
N TYR B 50 -1.71 -5.59 -23.68
CA TYR B 50 -2.41 -6.83 -23.92
C TYR B 50 -2.00 -7.38 -25.29
N GLY B 51 -2.11 -8.69 -25.48
CA GLY B 51 -1.68 -9.30 -26.72
C GLY B 51 -0.22 -9.02 -27.06
N ALA B 52 0.60 -9.01 -26.01
CA ALA B 52 2.06 -8.82 -26.05
C ALA B 52 2.50 -7.41 -26.39
N SER B 53 1.80 -6.71 -27.30
CA SER B 53 2.30 -5.46 -27.85
C SER B 53 1.27 -4.34 -27.98
N ASN B 54 0.01 -4.57 -27.56
CA ASN B 54 -1.00 -3.53 -27.69
C ASN B 54 -1.10 -2.73 -26.39
N ARG B 55 -1.09 -1.39 -26.52
CA ARG B 55 -1.36 -0.54 -25.37
C ARG B 55 -2.85 -0.54 -25.03
N ALA B 56 -3.15 -0.65 -23.75
CA ALA B 56 -4.51 -0.45 -23.27
C ALA B 56 -4.86 1.03 -23.38
N THR B 57 -6.16 1.30 -23.18
CA THR B 57 -6.64 2.64 -23.16
C THR B 57 -5.98 3.49 -22.09
N GLY B 58 -5.62 4.68 -22.51
CA GLY B 58 -5.03 5.65 -21.59
C GLY B 58 -3.57 5.49 -21.29
N ILE B 59 -2.94 4.50 -21.91
CA ILE B 59 -1.55 4.22 -21.61
C ILE B 59 -0.68 5.08 -22.51
N PRO B 60 0.27 5.85 -21.93
CA PRO B 60 1.15 6.72 -22.71
C PRO B 60 2.06 5.96 -23.67
N ASP B 61 2.51 6.69 -24.70
CA ASP B 61 3.30 6.10 -25.76
C ASP B 61 4.68 5.61 -25.28
N ARG B 62 5.16 6.10 -24.13
CA ARG B 62 6.46 5.64 -23.65
C ARG B 62 6.42 4.21 -23.17
N PHE B 63 5.27 3.61 -22.94
CA PHE B 63 5.16 2.20 -22.60
C PHE B 63 4.93 1.37 -23.86
N SER B 64 5.68 0.30 -24.03
CA SER B 64 5.51 -0.62 -25.13
C SER B 64 5.84 -2.03 -24.70
N GLY B 65 5.30 -2.98 -25.42
CA GLY B 65 5.58 -4.37 -25.17
C GLY B 65 5.98 -5.08 -26.45
N SER B 66 6.80 -6.12 -26.31
CA SER B 66 7.23 -6.90 -27.44
C SER B 66 7.56 -8.32 -27.05
N GLY B 67 7.86 -9.13 -28.05
CA GLY B 67 8.29 -10.50 -27.83
C GLY B 67 7.32 -11.53 -28.39
N SER B 68 7.74 -12.78 -28.33
CA SER B 68 7.00 -13.92 -28.75
C SER B 68 7.67 -15.16 -28.19
N GLY B 69 6.98 -16.30 -28.23
CA GLY B 69 7.55 -17.56 -27.82
C GLY B 69 7.69 -17.62 -26.32
N THR B 70 8.95 -17.57 -25.88
CA THR B 70 9.26 -17.71 -24.47
C THR B 70 9.93 -16.48 -23.90
N TYR B 71 10.01 -15.37 -24.66
CA TYR B 71 10.68 -14.19 -24.17
C TYR B 71 9.88 -12.95 -24.55
N PHE B 72 9.50 -12.18 -23.51
CA PHE B 72 8.73 -10.95 -23.67
C PHE B 72 9.34 -9.82 -22.87
N THR B 73 9.15 -8.59 -23.34
CA THR B 73 9.61 -7.40 -22.61
C THR B 73 8.51 -6.35 -22.52
N LEU B 74 8.53 -5.60 -21.43
CA LEU B 74 7.89 -4.31 -21.29
C LEU B 74 8.94 -3.23 -21.21
N THR B 75 8.84 -2.22 -22.06
CA THR B 75 9.79 -1.13 -22.09
C THR B 75 9.11 0.17 -21.69
N ILE B 76 9.78 0.99 -20.90
CA ILE B 76 9.48 2.36 -20.73
C ILE B 76 10.55 3.16 -21.42
N SER B 77 10.27 3.80 -22.52
CA SER B 77 11.32 4.36 -23.39
C SER B 77 12.04 5.50 -22.72
N ARG B 78 11.35 6.29 -21.92
CA ARG B 78 11.84 7.51 -21.30
C ARG B 78 11.14 7.63 -19.97
N LEU B 79 11.80 7.19 -18.89
CA LEU B 79 11.14 7.07 -17.59
C LEU B 79 10.69 8.43 -17.07
N GLU B 80 9.55 8.40 -16.37
CA GLU B 80 9.06 9.56 -15.64
C GLU B 80 8.95 9.18 -14.16
N PRO B 81 9.02 10.15 -13.25
CA PRO B 81 9.01 9.84 -11.81
C PRO B 81 7.74 9.15 -11.34
N GLU B 82 6.63 9.33 -12.09
CA GLU B 82 5.40 8.69 -11.70
C GLU B 82 5.35 7.21 -12.10
N ASP B 83 6.41 6.68 -12.75
CA ASP B 83 6.38 5.34 -13.26
C ASP B 83 6.83 4.27 -12.27
N PHE B 84 7.21 4.63 -11.05
CA PHE B 84 7.54 3.61 -10.07
C PHE B 84 6.33 2.69 -9.84
N ALA B 85 6.58 1.42 -9.70
CA ALA B 85 5.53 0.43 -9.56
C ALA B 85 6.16 -0.94 -9.50
N VAL B 86 5.35 -1.96 -9.26
CA VAL B 86 5.68 -3.32 -9.59
C VAL B 86 4.98 -3.64 -10.90
N TYR B 87 5.72 -4.12 -11.87
CA TYR B 87 5.19 -4.54 -13.16
C TYR B 87 5.14 -6.04 -13.22
N TYR B 88 3.98 -6.60 -13.58
CA TYR B 88 3.74 -8.03 -13.67
C TYR B 88 3.41 -8.40 -15.10
N CYS B 89 3.93 -9.52 -15.57
CA CYS B 89 3.43 -10.17 -16.77
C CYS B 89 2.46 -11.28 -16.38
N GLN B 90 1.60 -11.64 -17.35
CA GLN B 90 0.62 -12.69 -17.17
C GLN B 90 0.36 -13.35 -18.51
N GLN B 91 0.25 -14.67 -18.51
CA GLN B 91 -0.22 -15.35 -19.71
C GLN B 91 -1.68 -15.77 -19.48
N TYR B 92 -2.45 -15.66 -20.56
CA TYR B 92 -3.88 -15.98 -20.52
C TYR B 92 -4.27 -16.87 -21.69
N ASP B 93 -3.33 -17.73 -22.12
CA ASP B 93 -3.52 -18.72 -23.16
C ASP B 93 -4.26 -19.93 -22.59
N SER B 94 -3.78 -20.44 -21.47
CA SER B 94 -4.34 -21.63 -20.89
C SER B 94 -4.27 -21.55 -19.37
N ALA B 95 -5.33 -22.02 -18.72
CA ALA B 95 -5.41 -21.94 -17.28
C ALA B 95 -4.45 -22.95 -16.65
N PRO B 96 -3.84 -22.62 -15.49
CA PRO B 96 -4.01 -21.36 -14.80
C PRO B 96 -3.36 -20.19 -15.53
N ASP B 97 -4.00 -19.02 -15.51
CA ASP B 97 -3.55 -17.85 -16.23
C ASP B 97 -2.54 -17.09 -15.35
N THR B 98 -1.33 -17.70 -15.30
CA THR B 98 -0.32 -17.36 -14.33
C THR B 98 0.32 -15.99 -14.55
N PHE B 99 0.64 -15.38 -13.41
CA PHE B 99 1.45 -14.17 -13.36
C PHE B 99 2.91 -14.53 -13.09
N GLY B 100 3.77 -13.69 -13.64
CA GLY B 100 5.14 -13.65 -13.14
C GLY B 100 5.18 -13.06 -11.75
N GLN B 101 6.37 -13.09 -11.13
CA GLN B 101 6.52 -12.67 -9.74
C GLN B 101 6.71 -11.17 -9.57
N GLY B 102 6.78 -10.43 -10.67
CA GLY B 102 6.88 -8.97 -10.65
C GLY B 102 8.33 -8.48 -10.72
N THR B 103 8.49 -7.30 -11.33
CA THR B 103 9.74 -6.52 -11.26
C THR B 103 9.39 -5.21 -10.59
N ARG B 104 10.04 -4.87 -9.47
CA ARG B 104 9.86 -3.60 -8.81
C ARG B 104 10.71 -2.55 -9.47
N LEU B 105 10.14 -1.52 -10.04
CA LEU B 105 10.84 -0.40 -10.63
C LEU B 105 10.81 0.76 -9.65
N GLU B 106 12.01 1.22 -9.25
CA GLU B 106 12.22 2.31 -8.36
C GLU B 106 12.88 3.43 -9.17
N ILE B 107 12.58 4.66 -8.79
CA ILE B 107 13.12 5.82 -9.48
C ILE B 107 14.28 6.39 -8.68
N LYS B 108 15.39 6.50 -9.36
CA LYS B 108 16.61 7.11 -8.81
C LYS B 108 16.49 8.61 -8.90
N ARG B 109 17.04 9.27 -7.90
CA ARG B 109 17.21 10.72 -7.88
C ARG B 109 18.49 11.06 -7.12
N THR B 110 18.82 12.36 -7.10
CA THR B 110 20.00 12.80 -6.39
C THR B 110 19.74 12.72 -4.89
N VAL B 111 20.82 12.63 -4.14
CA VAL B 111 20.75 12.42 -2.71
C VAL B 111 20.05 13.60 -2.04
N ALA B 112 19.15 13.26 -1.11
CA ALA B 112 18.34 14.21 -0.36
C ALA B 112 18.31 13.76 1.11
N ALA B 113 18.79 14.63 2.00
CA ALA B 113 18.80 14.35 3.42
C ALA B 113 17.41 14.51 4.02
N PRO B 114 17.09 13.74 5.06
CA PRO B 114 15.80 13.89 5.74
C PRO B 114 15.75 15.13 6.61
N SER B 115 14.57 15.74 6.71
CA SER B 115 14.22 16.64 7.79
C SER B 115 13.64 15.79 8.91
N VAL B 116 14.04 16.05 10.16
CA VAL B 116 13.69 15.19 11.26
C VAL B 116 12.79 15.95 12.25
N PHE B 117 11.71 15.28 12.64
CA PHE B 117 10.76 15.83 13.59
C PHE B 117 10.46 14.77 14.67
N ILE B 118 10.16 15.22 15.88
CA ILE B 118 9.87 14.31 16.97
C ILE B 118 8.60 14.77 17.69
N PHE B 119 7.76 13.79 18.01
CA PHE B 119 6.47 14.02 18.64
C PHE B 119 6.40 13.26 19.95
N PRO B 120 6.18 13.96 21.07
CA PRO B 120 5.94 13.27 22.33
C PRO B 120 4.60 12.55 22.35
N PRO B 121 4.40 11.64 23.31
CA PRO B 121 3.06 11.09 23.54
C PRO B 121 2.08 12.17 23.96
N SER B 122 0.83 11.99 23.54
CA SER B 122 -0.26 12.87 23.95
C SER B 122 -0.67 12.53 25.37
N ASP B 123 -1.16 13.53 26.08
CA ASP B 123 -1.76 13.32 27.39
C ASP B 123 -2.96 12.38 27.31
N GLU B 124 -3.70 12.44 26.20
CA GLU B 124 -4.80 11.54 25.95
C GLU B 124 -4.33 10.08 26.01
N GLN B 125 -3.21 9.80 25.33
CA GLN B 125 -2.73 8.43 25.27
C GLN B 125 -2.23 7.97 26.65
N LEU B 126 -1.54 8.86 27.37
CA LEU B 126 -0.94 8.46 28.63
C LEU B 126 -2.02 7.97 29.61
N LYS B 127 -3.24 8.45 29.45
CA LYS B 127 -4.30 7.98 30.32
C LYS B 127 -4.52 6.47 30.19
N SER B 128 -4.07 5.86 29.08
CA SER B 128 -4.35 4.46 28.76
C SER B 128 -3.23 3.53 29.21
N GLY B 129 -2.12 4.05 29.72
CA GLY B 129 -1.04 3.21 30.25
C GLY B 129 0.13 2.97 29.29
N THR B 130 0.00 3.40 28.02
CA THR B 130 1.06 3.26 27.03
C THR B 130 1.46 4.64 26.51
N ALA B 131 2.73 4.78 26.14
CA ALA B 131 3.26 6.00 25.57
C ALA B 131 3.91 5.64 24.23
N SER B 132 3.50 6.33 23.17
CA SER B 132 4.11 6.21 21.86
C SER B 132 4.86 7.51 21.57
N VAL B 133 6.14 7.39 21.20
CA VAL B 133 6.98 8.51 20.78
C VAL B 133 7.29 8.30 19.30
N VAL B 134 7.11 9.32 18.48
CA VAL B 134 7.19 9.18 17.04
C VAL B 134 8.30 10.10 16.52
N CYS B 135 9.13 9.50 15.66
CA CYS B 135 10.17 10.25 14.96
C CYS B 135 9.84 10.16 13.47
N LEU B 136 9.84 11.32 12.81
CA LEU B 136 9.54 11.42 11.39
C LEU B 136 10.81 11.86 10.66
N LEU B 137 11.16 11.09 9.62
CA LEU B 137 12.21 11.46 8.68
C LEU B 137 11.49 11.83 7.39
N ASN B 138 11.55 13.10 7.00
CA ASN B 138 10.70 13.55 5.89
C ASN B 138 11.52 13.87 4.64
N ASN B 139 11.07 13.31 3.51
CA ASN B 139 11.46 13.71 2.18
C ASN B 139 12.95 13.51 1.94
N PHE B 140 13.36 12.24 1.88
CA PHE B 140 14.76 11.90 1.75
C PHE B 140 14.97 10.85 0.64
N TYR B 141 16.23 10.69 0.22
CA TYR B 141 16.60 9.68 -0.77
C TYR B 141 18.08 9.42 -0.64
N PRO B 142 18.61 8.18 -0.70
CA PRO B 142 17.89 6.92 -0.89
C PRO B 142 17.13 6.44 0.34
N ARG B 143 16.43 5.30 0.17
CA ARG B 143 15.54 4.78 1.19
C ARG B 143 16.24 4.38 2.49
N GLU B 144 17.47 3.88 2.35
CA GLU B 144 18.22 3.37 3.47
C GLU B 144 18.53 4.47 4.50
N ALA B 145 18.10 4.22 5.74
CA ALA B 145 18.29 5.15 6.85
C ALA B 145 18.38 4.34 8.13
N LYS B 146 19.21 4.80 9.05
CA LYS B 146 19.29 4.20 10.37
C LYS B 146 18.66 5.16 11.37
N VAL B 147 17.75 4.64 12.19
CA VAL B 147 17.12 5.39 13.25
C VAL B 147 17.39 4.69 14.57
N GLN B 148 17.96 5.42 15.52
CA GLN B 148 18.23 4.91 16.86
C GLN B 148 17.55 5.78 17.91
N TRP B 149 16.88 5.08 18.83
CA TRP B 149 16.23 5.74 19.93
C TRP B 149 17.12 5.68 21.16
N LYS B 150 17.18 6.81 21.87
CA LYS B 150 17.83 6.86 23.17
C LYS B 150 16.89 7.50 24.19
N VAL B 151 16.90 6.95 25.40
CA VAL B 151 16.08 7.45 26.50
C VAL B 151 17.06 7.71 27.64
N ASP B 152 17.19 8.97 28.08
CA ASP B 152 18.21 9.38 29.03
C ASP B 152 19.57 8.83 28.61
N ASN B 153 19.83 8.94 27.31
CA ASN B 153 21.08 8.56 26.68
C ASN B 153 21.29 7.04 26.65
N ALA B 154 20.28 6.23 26.94
CA ALA B 154 20.41 4.78 26.84
C ALA B 154 19.81 4.26 25.54
N LEU B 155 20.60 3.54 24.75
CA LEU B 155 20.13 3.05 23.46
C LEU B 155 19.05 2.00 23.67
N GLN B 156 17.95 2.16 22.93
CA GLN B 156 16.80 1.29 23.00
C GLN B 156 16.94 0.20 21.94
N SER B 157 16.41 -0.97 22.25
CA SER B 157 16.39 -2.08 21.33
C SER B 157 15.10 -2.86 21.53
N GLY B 158 14.45 -3.25 20.43
CA GLY B 158 13.34 -4.19 20.46
C GLY B 158 11.96 -3.54 20.68
N ASN B 159 11.92 -2.22 20.92
CA ASN B 159 10.69 -1.52 21.28
C ASN B 159 10.31 -0.44 20.27
N SER B 160 10.79 -0.57 19.03
CA SER B 160 10.42 0.37 17.97
C SER B 160 10.02 -0.37 16.69
N GLN B 161 9.20 0.31 15.90
CA GLN B 161 8.78 -0.20 14.60
C GLN B 161 8.84 0.97 13.62
N GLU B 162 9.15 0.64 12.36
CA GLU B 162 9.31 1.64 11.31
C GLU B 162 8.37 1.28 10.15
N SER B 163 7.97 2.30 9.40
CA SER B 163 7.42 2.07 8.09
C SER B 163 7.75 3.27 7.20
N VAL B 164 7.67 3.03 5.89
CA VAL B 164 8.14 3.96 4.90
C VAL B 164 7.02 4.16 3.88
N THR B 165 6.86 5.41 3.45
CA THR B 165 5.93 5.73 2.38
C THR B 165 6.47 5.22 1.05
N GLU B 166 5.56 5.13 0.06
CA GLU B 166 5.96 5.00 -1.33
C GLU B 166 6.71 6.24 -1.76
N GLN B 167 7.47 6.11 -2.86
CA GLN B 167 8.11 7.25 -3.44
C GLN B 167 7.10 8.33 -3.83
N ASP B 168 7.48 9.58 -3.64
CA ASP B 168 6.73 10.73 -4.12
C ASP B 168 6.65 10.71 -5.64
N SER B 169 5.46 10.95 -6.20
CA SER B 169 5.25 10.80 -7.64
C SER B 169 5.94 11.88 -8.46
N LYS B 170 6.29 13.01 -7.82
CA LYS B 170 6.92 14.13 -8.49
C LYS B 170 8.41 14.18 -8.23
N ASP B 171 8.84 14.03 -6.96
CA ASP B 171 10.24 14.23 -6.62
C ASP B 171 10.95 12.98 -6.10
N SER B 172 10.29 11.83 -6.06
CA SER B 172 10.96 10.52 -5.87
C SER B 172 11.53 10.33 -4.46
N THR B 173 11.18 11.19 -3.51
CA THR B 173 11.65 11.00 -2.13
C THR B 173 10.74 10.06 -1.34
N TYR B 174 11.27 9.59 -0.21
CA TYR B 174 10.61 8.78 0.77
C TYR B 174 10.42 9.59 2.06
N SER B 175 9.48 9.12 2.90
CA SER B 175 9.43 9.51 4.28
C SER B 175 9.34 8.25 5.13
N LEU B 176 9.72 8.37 6.40
CA LEU B 176 9.80 7.21 7.29
C LEU B 176 9.33 7.65 8.67
N SER B 177 8.52 6.77 9.30
CA SER B 177 8.12 6.94 10.67
C SER B 177 8.78 5.86 11.52
N SER B 178 9.30 6.24 12.68
CA SER B 178 9.73 5.29 13.68
C SER B 178 8.96 5.57 14.97
N THR B 179 8.32 4.53 15.51
CA THR B 179 7.51 4.66 16.72
C THR B 179 8.15 3.84 17.81
N LEU B 180 8.48 4.51 18.94
CA LEU B 180 8.97 3.88 20.16
C LEU B 180 7.78 3.69 21.10
N THR B 181 7.59 2.47 21.57
CA THR B 181 6.47 2.16 22.46
C THR B 181 7.02 1.82 23.85
N LEU B 182 6.60 2.61 24.85
CA LEU B 182 6.99 2.44 26.24
C LEU B 182 5.74 2.32 27.11
N SER B 183 5.86 1.74 28.30
CA SER B 183 4.80 1.89 29.29
C SER B 183 4.76 3.35 29.75
N LYS B 184 3.59 3.83 30.20
CA LYS B 184 3.49 5.14 30.82
C LYS B 184 4.46 5.28 31.98
N ALA B 185 4.55 4.23 32.80
CA ALA B 185 5.45 4.27 33.96
C ALA B 185 6.87 4.56 33.50
N ASP B 186 7.33 3.87 32.43
CA ASP B 186 8.70 4.04 31.93
C ASP B 186 8.87 5.46 31.39
N TYR B 187 7.88 5.95 30.65
CA TYR B 187 7.98 7.28 30.06
C TYR B 187 8.15 8.33 31.17
N GLU B 188 7.38 8.19 32.26
CA GLU B 188 7.35 9.20 33.30
C GLU B 188 8.60 9.13 34.20
N LYS B 189 9.33 8.01 34.14
CA LYS B 189 10.56 7.84 34.91
C LYS B 189 11.77 8.52 34.25
N HIS B 190 11.65 8.93 32.99
CA HIS B 190 12.79 9.44 32.23
C HIS B 190 12.48 10.81 31.65
N LYS B 191 13.53 11.52 31.23
CA LYS B 191 13.44 12.93 30.87
C LYS B 191 13.71 13.15 29.38
N VAL B 192 14.83 12.61 28.88
CA VAL B 192 15.33 12.96 27.55
C VAL B 192 14.99 11.87 26.53
N TYR B 193 14.29 12.26 25.46
CA TYR B 193 13.84 11.35 24.41
C TYR B 193 14.48 11.82 23.13
N ALA B 194 15.27 10.94 22.50
CA ALA B 194 16.07 11.32 21.34
C ALA B 194 15.97 10.26 20.25
N CYS B 195 15.82 10.74 19.01
CA CYS B 195 15.96 9.90 17.84
C CYS B 195 17.15 10.41 17.02
N GLU B 196 18.07 9.49 16.76
CA GLU B 196 19.31 9.79 16.06
C GLU B 196 19.22 9.14 14.68
N VAL B 197 19.48 9.96 13.66
CA VAL B 197 19.29 9.55 12.28
C VAL B 197 20.64 9.58 11.53
N THR B 198 20.95 8.47 10.86
CA THR B 198 22.12 8.33 10.02
C THR B 198 21.62 8.12 8.60
N HIS B 199 22.08 8.96 7.66
CA HIS B 199 21.66 8.86 6.28
C HIS B 199 22.73 9.49 5.40
N GLN B 200 22.89 8.95 4.20
CA GLN B 200 24.01 9.36 3.35
C GLN B 200 23.92 10.83 2.94
N GLY B 201 22.70 11.42 2.97
CA GLY B 201 22.57 12.81 2.62
C GLY B 201 23.06 13.77 3.69
N LEU B 202 23.20 13.25 4.92
CA LEU B 202 23.70 14.06 6.00
C LEU B 202 25.23 14.05 5.99
N SER B 203 25.81 15.16 6.41
CA SER B 203 27.25 15.23 6.61
C SER B 203 27.63 14.50 7.89
N SER B 204 26.79 14.50 8.89
CA SER B 204 26.96 13.82 10.16
C SER B 204 25.59 13.45 10.67
N PRO B 205 25.48 12.41 11.49
CA PRO B 205 24.17 12.05 12.04
C PRO B 205 23.55 13.18 12.82
N VAL B 206 22.19 13.19 12.75
CA VAL B 206 21.35 14.21 13.37
C VAL B 206 20.56 13.59 14.51
N THR B 207 20.56 14.28 15.66
CA THR B 207 19.74 13.88 16.79
C THR B 207 18.66 14.93 17.02
N LYS B 208 17.41 14.46 17.11
CA LYS B 208 16.28 15.31 17.45
C LYS B 208 15.77 14.83 18.79
N SER B 209 15.60 15.74 19.75
CA SER B 209 15.23 15.33 21.10
C SER B 209 14.24 16.31 21.71
N PHE B 210 13.57 15.83 22.75
CA PHE B 210 12.79 16.70 23.63
C PHE B 210 12.98 16.24 25.06
N ASN B 211 12.67 17.15 26.00
CA ASN B 211 12.53 16.84 27.39
C ASN B 211 11.06 16.74 27.72
N ARG B 212 10.68 15.63 28.37
CA ARG B 212 9.31 15.38 28.74
C ARG B 212 8.77 16.59 29.52
N GLY B 213 7.64 17.15 29.05
CA GLY B 213 6.99 18.29 29.67
C GLY B 213 7.24 19.63 28.97
N GLU B 214 8.21 19.72 28.06
CA GLU B 214 8.62 21.03 27.55
C GLU B 214 7.52 21.65 26.67
N CYS B 215 7.54 22.98 26.53
CA CYS B 215 6.54 23.64 25.69
C CYS B 215 6.99 23.69 24.22
#